data_4MFL
#
_entry.id   4MFL
#
_cell.length_a   133.581
_cell.length_b   133.581
_cell.length_c   49.250
_cell.angle_alpha   90.00
_cell.angle_beta   90.00
_cell.angle_gamma   120.00
#
_symmetry.space_group_name_H-M   'P 65'
#
loop_
_entity.id
_entity.type
_entity.pdbx_description
1 polymer 'Putative uncharacterized protein tcp24'
2 polymer 'Teicoplanin pseudoaglycone'
3 non-polymer 'SULFATE ION'
4 non-polymer decanoyl-CoA
5 non-polymer 2-acetamido-2-deoxy-beta-D-glucopyranose
6 non-polymer 2-amino-2-deoxy-beta-D-glucopyranose
7 non-polymer alpha-D-mannopyranose
8 water water
#
loop_
_entity_poly.entity_id
_entity_poly.type
_entity_poly.pdbx_seq_one_letter_code
_entity_poly.pdbx_strand_id
1 'polypeptide(L)'
;MGSSHHHHHHSSGLVPRGSHMMMDPETVRIALGLEERTAAWLTELDELGPPAEPVRLPRGEEARDLLRRLEVPELDAEEI
VAAAPDPDRDPALWWLLERTHHAIVRHMGDHRAKPRGGPPLPYEGGAAARYFHVYVFLATVPAVRRFHAERGIPDEVGWE
TLTQLGELVAIHRRKYGQGGMNMQWWTTYHLRGILYRLGRLQFSLATGKDGTPHLGLAVPEWGGPLLPKAYDESLHRARP
FFDRHFPEHGARVAWGSSWMLDPQLEEYLTEDSNIIQLARFWTLTDSAPEPGNADGDSSILEFVFRYNGQPLDELPQRSS
LERAVIAHLKAGRHWHMRTGFVKLP
;
A
2 'polypeptide(L)' (GHP)(3MY)(3FG)(GHP)(GHP)(OMY)(3FG) B
#
# COMPACT_ATOMS: atom_id res chain seq x y z
N MET A 23 -0.22 27.02 15.43
CA MET A 23 -1.03 26.11 16.29
C MET A 23 -0.18 25.18 17.12
N ASP A 24 -0.72 24.70 18.23
CA ASP A 24 0.02 23.73 19.04
C ASP A 24 -0.57 22.33 18.79
N PRO A 25 0.28 21.27 18.91
CA PRO A 25 -0.17 19.90 18.59
C PRO A 25 -1.36 19.41 19.42
N GLU A 26 -1.47 19.88 20.66
CA GLU A 26 -2.58 19.49 21.51
C GLU A 26 -3.90 20.07 21.00
N THR A 27 -3.85 21.27 20.43
CA THR A 27 -5.06 21.90 19.88
C THR A 27 -5.52 21.17 18.61
N VAL A 28 -4.55 20.88 17.74
CA VAL A 28 -4.78 20.06 16.54
C VAL A 28 -5.43 18.74 16.94
N ARG A 29 -4.82 18.04 17.89
CA ARG A 29 -5.32 16.73 18.31
C ARG A 29 -6.79 16.75 18.73
N ILE A 30 -7.12 17.77 19.54
CA ILE A 30 -8.47 17.90 20.10
C ILE A 30 -9.48 18.33 19.04
N ALA A 31 -9.09 19.29 18.21
CA ALA A 31 -9.93 19.75 17.10
C ALA A 31 -10.29 18.61 16.16
N LEU A 32 -9.32 17.74 15.86
CA LEU A 32 -9.53 16.68 14.88
C LEU A 32 -10.16 15.44 15.47
N GLY A 33 -10.18 15.37 16.80
CA GLY A 33 -10.81 14.24 17.48
C GLY A 33 -9.86 13.06 17.59
N LEU A 34 -8.57 13.33 17.46
CA LEU A 34 -7.54 12.28 17.51
C LEU A 34 -7.28 11.75 18.94
N GLU A 35 -7.05 10.43 19.05
CA GLU A 35 -6.83 9.77 20.34
C GLU A 35 -5.59 10.30 21.05
N GLU A 36 -5.56 10.17 22.37
CA GLU A 36 -4.42 10.66 23.18
C GLU A 36 -3.09 10.05 22.74
N ARG A 37 -3.16 8.79 22.29
CA ARG A 37 -1.99 8.04 21.84
C ARG A 37 -1.25 8.72 20.68
N THR A 38 -1.94 9.59 19.93
CA THR A 38 -1.33 10.22 18.76
C THR A 38 -0.48 11.44 19.13
N ALA A 39 -0.52 11.83 20.41
CA ALA A 39 0.20 13.02 20.87
C ALA A 39 1.69 12.98 20.54
N ALA A 40 2.32 11.82 20.75
CA ALA A 40 3.75 11.65 20.46
C ALA A 40 4.07 11.98 18.99
N TRP A 41 3.31 11.39 18.07
CA TRP A 41 3.40 11.71 16.64
C TRP A 41 3.23 13.20 16.37
N LEU A 42 2.20 13.79 16.95
CA LEU A 42 1.94 15.22 16.71
C LEU A 42 3.05 16.12 17.24
N THR A 43 3.65 15.75 18.37
CA THR A 43 4.85 16.45 18.87
C THR A 43 5.99 16.31 17.88
N GLU A 44 6.21 15.09 17.38
CA GLU A 44 7.21 14.87 16.33
C GLU A 44 7.02 15.82 15.16
N LEU A 45 5.78 15.89 14.66
CA LEU A 45 5.44 16.76 13.54
C LEU A 45 5.58 18.23 13.89
N ASP A 46 5.22 18.59 15.12
CA ASP A 46 5.40 19.98 15.58
C ASP A 46 6.87 20.37 15.49
N GLU A 47 7.75 19.52 16.02
CA GLU A 47 9.19 19.78 15.97
C GLU A 47 9.77 19.80 14.55
N LEU A 48 9.31 18.87 13.69
CA LEU A 48 9.71 18.86 12.28
C LEU A 48 9.35 20.15 11.58
N GLY A 49 8.14 20.64 11.84
CA GLY A 49 7.67 21.89 11.26
C GLY A 49 7.26 21.76 9.81
N PRO A 50 6.82 22.89 9.21
CA PRO A 50 6.35 22.94 7.83
C PRO A 50 7.47 22.66 6.85
N PRO A 51 7.15 22.18 5.64
CA PRO A 51 8.19 21.89 4.64
C PRO A 51 8.78 23.17 4.06
N ALA A 52 9.98 23.09 3.51
CA ALA A 52 10.62 24.22 2.83
C ALA A 52 9.79 24.63 1.62
N GLU A 53 9.45 23.65 0.78
CA GLU A 53 8.52 23.88 -0.31
C GLU A 53 7.11 23.81 0.27
N PRO A 54 6.38 24.96 0.28
CA PRO A 54 5.04 24.98 0.87
C PRO A 54 4.08 24.01 0.16
N VAL A 55 3.17 23.40 0.91
CA VAL A 55 2.22 22.43 0.36
C VAL A 55 1.28 23.11 -0.63
N ARG A 56 1.20 22.57 -1.84
CA ARG A 56 0.27 23.05 -2.85
C ARG A 56 -0.71 21.95 -3.27
N LEU A 57 -2.00 22.10 -2.94
CA LEU A 57 -2.98 21.20 -3.51
C LEU A 57 -3.43 21.68 -4.87
N PRO A 58 -3.41 20.79 -5.86
CA PRO A 58 -4.04 21.07 -7.15
C PRO A 58 -5.54 21.28 -6.96
N ARG A 59 -6.15 22.12 -7.78
CA ARG A 59 -7.56 22.45 -7.62
C ARG A 59 -8.22 22.33 -9.00
N GLY A 60 -9.55 22.18 -9.01
CA GLY A 60 -10.32 22.15 -10.26
C GLY A 60 -9.91 21.10 -11.27
N GLU A 61 -9.83 21.51 -12.53
CA GLU A 61 -9.50 20.59 -13.62
C GLU A 61 -8.06 20.06 -13.55
N GLU A 62 -7.16 20.84 -12.96
CA GLU A 62 -5.81 20.37 -12.69
C GLU A 62 -5.89 19.17 -11.75
N ALA A 63 -6.66 19.31 -10.66
CA ALA A 63 -6.84 18.20 -9.72
C ALA A 63 -7.53 17.01 -10.38
N ARG A 64 -8.54 17.29 -11.22
CA ARG A 64 -9.21 16.20 -11.94
C ARG A 64 -8.30 15.47 -12.90
N ASP A 65 -7.39 16.19 -13.54
CA ASP A 65 -6.48 15.55 -14.48
C ASP A 65 -5.52 14.63 -13.73
N LEU A 66 -5.02 15.12 -12.59
CA LEU A 66 -4.07 14.35 -11.79
C LEU A 66 -4.77 13.11 -11.18
N LEU A 67 -5.92 13.32 -10.55
CA LEU A 67 -6.70 12.18 -10.03
C LEU A 67 -6.99 11.11 -11.08
N ARG A 68 -7.27 11.54 -12.32
CA ARG A 68 -7.53 10.62 -13.40
C ARG A 68 -6.26 9.86 -13.80
N ARG A 69 -5.13 10.55 -13.86
CA ARG A 69 -3.83 9.93 -14.14
C ARG A 69 -3.50 8.86 -13.10
N LEU A 70 -3.96 9.09 -11.87
CA LEU A 70 -3.73 8.16 -10.75
C LEU A 70 -4.84 7.09 -10.64
N GLU A 71 -5.70 7.05 -11.67
CA GLU A 71 -6.77 6.04 -11.79
C GLU A 71 -7.78 6.05 -10.62
N VAL A 72 -7.98 7.21 -10.00
CA VAL A 72 -9.00 7.37 -8.96
C VAL A 72 -10.37 7.35 -9.67
N PRO A 73 -11.31 6.52 -9.19
CA PRO A 73 -12.64 6.44 -9.86
C PRO A 73 -13.31 7.83 -9.93
N GLU A 74 -14.07 8.09 -10.99
CA GLU A 74 -14.64 9.43 -11.23
C GLU A 74 -15.47 9.91 -10.05
N LEU A 75 -16.27 9.02 -9.48
CA LEU A 75 -17.13 9.37 -8.34
C LEU A 75 -16.29 9.95 -7.19
N ASP A 76 -15.26 9.22 -6.80
CA ASP A 76 -14.39 9.67 -5.71
C ASP A 76 -13.63 10.95 -6.05
N ALA A 77 -13.14 11.05 -7.29
CA ALA A 77 -12.32 12.21 -7.68
C ALA A 77 -13.10 13.51 -7.57
N GLU A 78 -14.36 13.45 -8.02
CA GLU A 78 -15.26 14.59 -7.98
C GLU A 78 -15.43 15.04 -6.54
N GLU A 79 -15.65 14.07 -5.64
CA GLU A 79 -15.81 14.32 -4.20
C GLU A 79 -14.53 14.86 -3.56
N ILE A 80 -13.39 14.32 -3.99
CA ILE A 80 -12.08 14.79 -3.49
C ILE A 80 -11.83 16.27 -3.84
N VAL A 81 -12.11 16.63 -5.09
CA VAL A 81 -11.92 18.00 -5.56
C VAL A 81 -12.88 18.92 -4.79
N ALA A 82 -14.12 18.47 -4.62
CA ALA A 82 -15.15 19.29 -3.98
C ALA A 82 -14.79 19.62 -2.54
N ALA A 83 -14.21 18.64 -1.84
CA ALA A 83 -13.94 18.76 -0.40
C ALA A 83 -12.56 19.30 -0.04
N ALA A 84 -11.75 19.62 -1.03
CA ALA A 84 -10.36 20.01 -0.76
C ALA A 84 -10.29 21.09 0.31
N PRO A 85 -9.45 20.86 1.32
CA PRO A 85 -9.44 21.76 2.45
C PRO A 85 -8.74 23.08 2.14
N ASP A 86 -8.92 24.03 3.06
CA ASP A 86 -8.45 25.40 2.91
C ASP A 86 -7.64 25.75 4.16
N PRO A 87 -6.51 26.48 3.99
CA PRO A 87 -5.67 26.87 5.15
C PRO A 87 -6.43 27.68 6.21
N ASP A 88 -7.37 28.53 5.78
CA ASP A 88 -8.11 29.39 6.72
C ASP A 88 -9.30 28.71 7.40
N ARG A 89 -10.12 27.98 6.65
CA ARG A 89 -11.27 27.29 7.26
C ARG A 89 -10.92 25.98 7.97
N ASP A 90 -9.84 25.34 7.54
CA ASP A 90 -9.43 24.04 8.06
C ASP A 90 -8.00 24.10 8.65
N PRO A 91 -7.77 24.99 9.64
CA PRO A 91 -6.40 25.21 10.10
C PRO A 91 -5.73 24.02 10.77
N ALA A 92 -6.49 23.24 11.55
CA ALA A 92 -5.93 22.08 12.24
C ALA A 92 -5.58 21.00 11.22
N LEU A 93 -6.52 20.73 10.30
CA LEU A 93 -6.27 19.78 9.21
C LEU A 93 -5.11 20.24 8.34
N TRP A 94 -5.06 21.53 8.00
CA TRP A 94 -3.98 22.07 7.18
C TRP A 94 -2.63 21.95 7.83
N TRP A 95 -2.58 22.21 9.14
CA TRP A 95 -1.35 22.10 9.92
C TRP A 95 -0.80 20.68 9.78
N LEU A 96 -1.70 19.71 9.90
CA LEU A 96 -1.34 18.29 9.87
C LEU A 96 -0.92 17.86 8.48
N LEU A 97 -1.62 18.35 7.46
CA LEU A 97 -1.29 18.08 6.06
C LEU A 97 0.11 18.51 5.68
N GLU A 98 0.48 19.71 6.12
CA GLU A 98 1.81 20.26 5.82
C GLU A 98 2.90 19.39 6.41
N ARG A 99 2.72 19.06 7.69
CA ARG A 99 3.74 18.33 8.46
C ARG A 99 3.76 16.85 8.15
N THR A 100 2.61 16.29 7.79
CA THR A 100 2.56 14.91 7.32
C THR A 100 3.29 14.75 5.98
N HIS A 101 3.04 15.66 5.04
CA HIS A 101 3.79 15.71 3.79
C HIS A 101 5.28 15.81 4.04
N HIS A 102 5.66 16.72 4.93
CA HIS A 102 7.06 16.89 5.29
C HIS A 102 7.68 15.64 5.86
N ALA A 103 6.94 14.96 6.75
CA ALA A 103 7.42 13.76 7.43
C ALA A 103 7.63 12.59 6.45
N ILE A 104 6.95 12.64 5.31
CA ILE A 104 7.18 11.67 4.23
C ILE A 104 8.38 12.06 3.36
N VAL A 105 8.43 13.29 2.87
CA VAL A 105 9.50 13.66 1.93
C VAL A 105 10.89 13.73 2.59
N ARG A 106 10.92 13.97 3.90
CA ARG A 106 12.18 13.94 4.64
C ARG A 106 12.87 12.58 4.44
N HIS A 107 12.08 11.54 4.12
CA HIS A 107 12.63 10.20 3.91
C HIS A 107 12.60 9.71 2.48
N MET A 108 12.54 10.63 1.54
CA MET A 108 12.58 10.29 0.13
C MET A 108 13.79 9.39 -0.17
N GLY A 109 13.52 8.27 -0.84
CA GLY A 109 14.56 7.31 -1.20
C GLY A 109 15.04 6.45 -0.05
N ASP A 110 14.52 6.68 1.16
CA ASP A 110 15.06 5.98 2.32
C ASP A 110 14.19 4.79 2.78
N HIS A 111 14.59 3.58 2.43
CA HIS A 111 13.82 2.37 2.79
C HIS A 111 14.11 1.88 4.19
N ARG A 112 15.08 2.48 4.87
CA ARG A 112 15.35 2.11 6.26
C ARG A 112 14.42 2.80 7.27
N ALA A 113 13.76 3.87 6.84
CA ALA A 113 12.77 4.52 7.68
C ALA A 113 11.46 3.70 7.73
N LYS A 114 10.84 3.62 8.91
CA LYS A 114 9.53 2.96 9.07
C LYS A 114 8.46 3.70 8.26
N PRO A 115 7.43 2.97 7.78
CA PRO A 115 6.37 3.56 6.95
C PRO A 115 5.32 4.31 7.79
N ARG A 116 5.66 5.49 8.26
CA ARG A 116 4.72 6.21 9.14
C ARG A 116 3.98 7.29 8.34
N GLY A 117 2.73 7.00 8.02
CA GLY A 117 1.92 7.94 7.22
C GLY A 117 1.00 8.78 8.08
N GLY A 118 0.96 8.48 9.39
CA GLY A 118 0.07 9.19 10.31
C GLY A 118 -1.25 8.47 10.50
N PRO A 119 -2.03 8.89 11.52
CA PRO A 119 -3.29 8.23 11.85
C PRO A 119 -4.41 8.58 10.86
N PRO A 120 -5.43 7.73 10.75
CA PRO A 120 -6.60 8.16 9.98
C PRO A 120 -7.36 9.26 10.78
N LEU A 121 -8.05 10.16 10.09
CA LEU A 121 -8.82 11.20 10.79
C LEU A 121 -10.25 10.75 11.03
N PRO A 122 -10.81 11.04 12.22
CA PRO A 122 -12.19 10.64 12.49
C PRO A 122 -13.18 11.21 11.44
N TYR A 123 -14.13 10.40 11.01
CA TYR A 123 -14.98 10.79 9.86
C TYR A 123 -16.02 11.87 10.22
N GLU A 124 -16.10 12.22 11.50
CA GLU A 124 -16.91 13.37 11.97
C GLU A 124 -16.42 14.68 11.35
N GLY A 125 -15.17 14.70 10.89
CA GLY A 125 -14.61 15.84 10.15
C GLY A 125 -15.01 15.90 8.67
N GLY A 126 -15.84 14.97 8.24
CA GLY A 126 -16.40 15.03 6.90
C GLY A 126 -15.47 14.56 5.79
N ALA A 127 -15.79 14.97 4.56
CA ALA A 127 -15.05 14.54 3.38
C ALA A 127 -13.57 14.92 3.41
N ALA A 128 -13.23 16.12 3.92
CA ALA A 128 -11.81 16.52 4.01
C ALA A 128 -11.02 15.58 4.94
N ALA A 129 -11.66 15.15 6.01
CA ALA A 129 -11.06 14.19 6.94
C ALA A 129 -10.96 12.81 6.30
N ARG A 130 -12.05 12.36 5.66
CA ARG A 130 -12.05 11.03 4.99
C ARG A 130 -10.98 10.93 3.90
N TYR A 131 -10.77 12.00 3.15
CA TYR A 131 -9.80 12.01 2.06
C TYR A 131 -8.45 12.64 2.43
N PHE A 132 -8.21 12.82 3.73
CA PHE A 132 -7.00 13.51 4.20
C PHE A 132 -5.75 12.99 3.51
N HIS A 133 -5.58 11.67 3.52
CA HIS A 133 -4.35 11.06 2.98
C HIS A 133 -4.29 11.04 1.48
N VAL A 134 -5.44 11.22 0.84
CA VAL A 134 -5.42 11.53 -0.59
C VAL A 134 -4.80 12.90 -0.86
N TYR A 135 -5.15 13.90 -0.02
CA TYR A 135 -4.54 15.22 -0.17
C TYR A 135 -3.03 15.14 0.11
N VAL A 136 -2.65 14.36 1.11
CA VAL A 136 -1.22 14.12 1.40
C VAL A 136 -0.55 13.57 0.13
N PHE A 137 -1.17 12.55 -0.48
CA PHE A 137 -0.62 11.92 -1.69
C PHE A 137 -0.52 12.95 -2.84
N LEU A 138 -1.60 13.68 -3.12
CA LEU A 138 -1.57 14.70 -4.19
C LEU A 138 -0.48 15.76 -3.98
N ALA A 139 -0.33 16.21 -2.73
CA ALA A 139 0.62 17.27 -2.38
C ALA A 139 2.07 16.78 -2.55
N THR A 140 2.23 15.47 -2.51
CA THR A 140 3.55 14.82 -2.50
C THR A 140 3.95 14.30 -3.89
N VAL A 141 3.00 14.26 -4.83
CA VAL A 141 3.30 13.82 -6.20
C VAL A 141 4.48 14.57 -6.87
N PRO A 142 4.52 15.93 -6.77
CA PRO A 142 5.65 16.63 -7.41
C PRO A 142 6.99 16.17 -6.85
N ALA A 143 7.12 16.08 -5.53
CA ALA A 143 8.38 15.64 -4.90
C ALA A 143 8.83 14.24 -5.39
N VAL A 144 7.91 13.28 -5.38
CA VAL A 144 8.31 11.92 -5.79
C VAL A 144 8.59 11.84 -7.28
N ARG A 145 7.86 12.61 -8.09
CA ARG A 145 8.15 12.61 -9.51
C ARG A 145 9.54 13.21 -9.79
N ARG A 146 9.93 14.19 -8.99
CA ARG A 146 11.28 14.80 -9.07
C ARG A 146 12.32 13.74 -8.71
N PHE A 147 12.03 12.96 -7.68
CA PHE A 147 12.92 11.84 -7.33
C PHE A 147 13.01 10.81 -8.47
N HIS A 148 11.87 10.43 -9.04
CA HIS A 148 11.84 9.55 -10.21
C HIS A 148 12.76 10.02 -11.33
N ALA A 149 12.63 11.32 -11.67
CA ALA A 149 13.48 11.94 -12.70
C ALA A 149 14.98 11.87 -12.34
N GLU A 150 15.30 12.21 -11.10
CA GLU A 150 16.69 12.18 -10.61
C GLU A 150 17.29 10.79 -10.73
N ARG A 151 16.45 9.77 -10.49
CA ARG A 151 16.88 8.38 -10.60
C ARG A 151 16.79 7.84 -12.03
N GLY A 152 16.30 8.66 -12.97
CA GLY A 152 16.19 8.21 -14.36
C GLY A 152 15.09 7.19 -14.63
N ILE A 153 14.12 7.09 -13.71
CA ILE A 153 12.98 6.18 -13.83
C ILE A 153 12.14 6.65 -15.01
N PRO A 154 11.79 5.74 -15.96
CA PRO A 154 10.87 6.12 -17.06
C PRO A 154 9.52 6.64 -16.54
N ASP A 155 9.01 7.69 -17.20
CA ASP A 155 7.75 8.29 -16.80
C ASP A 155 6.63 7.28 -16.65
N GLU A 156 6.52 6.32 -17.57
CA GLU A 156 5.40 5.40 -17.54
C GLU A 156 5.49 4.47 -16.34
N VAL A 157 6.70 4.20 -15.88
CA VAL A 157 6.89 3.36 -14.66
C VAL A 157 6.51 4.16 -13.43
N GLY A 158 6.95 5.41 -13.38
CA GLY A 158 6.59 6.34 -12.31
C GLY A 158 5.08 6.45 -12.17
N TRP A 159 4.40 6.77 -13.28
CA TRP A 159 2.93 6.85 -13.23
C TRP A 159 2.29 5.55 -12.89
N GLU A 160 2.71 4.45 -13.52
CA GLU A 160 2.07 3.15 -13.24
C GLU A 160 2.16 2.83 -11.74
N THR A 161 3.30 3.15 -11.12
CA THR A 161 3.47 2.93 -9.68
C THR A 161 2.45 3.72 -8.87
N LEU A 162 2.30 5.00 -9.19
CA LEU A 162 1.46 5.88 -8.39
C LEU A 162 -0.04 5.61 -8.55
N THR A 163 -0.45 4.92 -9.61
CA THR A 163 -1.87 4.55 -9.83
C THR A 163 -2.47 3.67 -8.76
N GLN A 164 -1.66 3.05 -7.89
CA GLN A 164 -2.29 2.29 -6.81
C GLN A 164 -3.13 3.20 -5.91
N LEU A 165 -2.89 4.52 -5.95
CA LEU A 165 -3.79 5.41 -5.19
C LEU A 165 -5.26 5.15 -5.54
N GLY A 166 -5.54 5.07 -6.84
CA GLY A 166 -6.91 4.86 -7.30
C GLY A 166 -7.46 3.53 -6.82
N GLU A 167 -6.64 2.48 -6.89
CA GLU A 167 -7.03 1.17 -6.37
C GLU A 167 -7.39 1.25 -4.88
N LEU A 168 -6.57 1.94 -4.10
CA LEU A 168 -6.77 1.98 -2.64
C LEU A 168 -8.00 2.82 -2.29
N VAL A 169 -8.22 3.87 -3.07
CA VAL A 169 -9.43 4.69 -2.90
C VAL A 169 -10.67 3.80 -3.18
N ALA A 170 -10.65 3.09 -4.30
CA ALA A 170 -11.75 2.20 -4.68
C ALA A 170 -11.99 1.11 -3.63
N ILE A 171 -10.91 0.55 -3.09
CA ILE A 171 -11.01 -0.41 -2.00
C ILE A 171 -11.68 0.17 -0.76
N HIS A 172 -11.34 1.40 -0.38
CA HIS A 172 -12.01 1.99 0.79
C HIS A 172 -13.51 1.99 0.63
N ARG A 173 -13.98 2.38 -0.55
CA ARG A 173 -15.41 2.51 -0.79
C ARG A 173 -16.09 1.14 -0.79
N ARG A 174 -15.44 0.15 -1.41
CA ARG A 174 -15.99 -1.22 -1.40
C ARG A 174 -16.12 -1.74 0.01
N LYS A 175 -15.09 -1.50 0.82
CA LYS A 175 -15.01 -2.04 2.16
C LYS A 175 -15.97 -1.36 3.15
N TYR A 176 -16.06 -0.03 3.07
CA TYR A 176 -16.77 0.74 4.09
C TYR A 176 -18.03 1.45 3.61
N GLY A 177 -18.18 1.61 2.31
CA GLY A 177 -19.40 2.16 1.74
C GLY A 177 -19.42 3.65 1.42
N GLN A 178 -18.38 4.37 1.86
CA GLN A 178 -18.23 5.81 1.50
C GLN A 178 -16.78 6.08 1.10
N GLY A 179 -16.51 7.26 0.52
CA GLY A 179 -15.19 7.58 0.01
C GLY A 179 -14.14 7.77 1.09
N GLY A 180 -12.90 7.36 0.80
CA GLY A 180 -11.81 7.50 1.77
C GLY A 180 -10.55 6.81 1.26
N MET A 181 -9.49 6.82 2.06
CA MET A 181 -8.28 6.06 1.71
C MET A 181 -7.53 5.90 3.02
N ASN A 182 -7.63 4.72 3.63
CA ASN A 182 -7.04 4.53 4.95
C ASN A 182 -5.85 3.56 4.98
N MET A 183 -5.16 3.45 3.84
N MET A 183 -5.16 3.46 3.84
CA MET A 183 -3.90 2.68 3.73
CA MET A 183 -3.92 2.68 3.72
C MET A 183 -2.70 3.59 3.53
C MET A 183 -2.70 3.60 3.51
N GLN A 184 -2.68 4.72 4.24
CA GLN A 184 -1.60 5.69 4.13
C GLN A 184 -0.23 5.16 4.56
N TRP A 185 -0.17 4.14 5.41
CA TRP A 185 1.13 3.56 5.76
C TRP A 185 1.75 2.94 4.52
N TRP A 186 0.92 2.32 3.68
CA TRP A 186 1.39 1.66 2.46
C TRP A 186 1.79 2.64 1.39
N THR A 187 0.99 3.70 1.21
CA THR A 187 1.38 4.71 0.21
C THR A 187 2.67 5.47 0.57
N THR A 188 3.18 5.35 1.81
CA THR A 188 4.48 5.98 2.08
C THR A 188 5.57 5.34 1.24
N TYR A 189 5.40 4.07 0.86
CA TYR A 189 6.43 3.42 0.00
C TYR A 189 6.46 4.06 -1.38
N HIS A 190 5.28 4.24 -1.99
CA HIS A 190 5.22 4.83 -3.33
C HIS A 190 5.76 6.24 -3.29
N LEU A 191 5.34 7.00 -2.28
CA LEU A 191 5.67 8.42 -2.18
C LEU A 191 7.11 8.71 -1.81
N ARG A 192 7.79 7.73 -1.23
CA ARG A 192 9.24 7.88 -0.98
C ARG A 192 10.09 7.32 -2.12
N GLY A 193 9.45 6.86 -3.18
CA GLY A 193 10.22 6.38 -4.33
C GLY A 193 10.98 5.09 -4.01
N ILE A 194 10.47 4.31 -3.07
CA ILE A 194 11.13 3.04 -2.74
C ILE A 194 10.39 1.82 -3.22
N LEU A 195 9.23 2.02 -3.87
N LEU A 195 9.23 2.04 -3.86
CA LEU A 195 8.46 0.90 -4.43
CA LEU A 195 8.40 0.97 -4.43
C LEU A 195 8.09 1.27 -5.86
C LEU A 195 8.15 1.30 -5.90
N TYR A 196 8.22 0.28 -6.76
CA TYR A 196 7.92 0.46 -8.20
C TYR A 196 7.06 -0.69 -8.70
N ARG A 197 6.04 -0.35 -9.50
CA ARG A 197 5.25 -1.38 -10.16
C ARG A 197 5.91 -1.65 -11.51
N LEU A 198 6.33 -2.89 -11.72
CA LEU A 198 7.00 -3.29 -12.94
C LEU A 198 6.14 -4.32 -13.66
N GLY A 199 5.04 -3.87 -14.23
CA GLY A 199 4.06 -4.82 -14.77
C GLY A 199 3.11 -5.30 -13.70
N ARG A 200 2.90 -6.62 -13.62
CA ARG A 200 1.88 -7.17 -12.73
C ARG A 200 2.30 -7.07 -11.27
N LEU A 201 3.62 -7.10 -11.03
CA LEU A 201 4.11 -7.12 -9.64
C LEU A 201 4.77 -5.79 -9.27
N GLN A 202 4.79 -5.49 -7.97
CA GLN A 202 5.55 -4.37 -7.43
C GLN A 202 6.80 -4.91 -6.72
N PHE A 203 7.84 -4.09 -6.70
CA PHE A 203 9.07 -4.44 -5.96
C PHE A 203 9.50 -3.23 -5.13
N SER A 204 9.87 -3.48 -3.88
CA SER A 204 10.36 -2.41 -3.02
C SER A 204 11.84 -2.64 -2.66
N LEU A 205 12.60 -1.57 -2.55
CA LEU A 205 13.94 -1.64 -1.94
C LEU A 205 13.75 -2.05 -0.49
N ALA A 206 14.45 -3.10 -0.08
CA ALA A 206 14.28 -3.64 1.25
C ALA A 206 15.61 -4.24 1.74
N THR A 207 15.70 -4.49 3.04
CA THR A 207 16.86 -5.18 3.59
C THR A 207 16.38 -6.19 4.61
N GLY A 208 17.13 -7.27 4.74
CA GLY A 208 16.83 -8.24 5.79
C GLY A 208 17.28 -7.72 7.16
N LYS A 209 17.03 -8.51 8.20
CA LYS A 209 17.44 -8.15 9.56
C LYS A 209 18.94 -7.93 9.64
N ASP A 210 19.69 -8.70 8.85
CA ASP A 210 21.14 -8.59 8.85
C ASP A 210 21.63 -7.53 7.87
N GLY A 211 20.69 -6.72 7.38
CA GLY A 211 21.01 -5.64 6.44
C GLY A 211 21.21 -6.02 4.98
N THR A 212 21.14 -7.31 4.65
CA THR A 212 21.37 -7.79 3.27
C THR A 212 20.24 -7.24 2.38
N PRO A 213 20.59 -6.60 1.25
CA PRO A 213 19.57 -6.01 0.36
C PRO A 213 18.74 -7.12 -0.29
N HIS A 214 17.43 -6.89 -0.39
CA HIS A 214 16.59 -7.72 -1.25
C HIS A 214 15.51 -6.85 -1.84
N LEU A 215 14.67 -7.42 -2.70
CA LEU A 215 13.48 -6.67 -3.18
C LEU A 215 12.25 -7.26 -2.54
N GLY A 216 11.42 -6.42 -1.94
CA GLY A 216 10.19 -6.91 -1.34
C GLY A 216 9.17 -7.03 -2.47
N LEU A 217 8.55 -8.18 -2.62
CA LEU A 217 7.61 -8.33 -3.75
C LEU A 217 6.18 -8.12 -3.24
N ALA A 218 5.35 -7.40 -4.01
CA ALA A 218 3.94 -7.27 -3.62
C ALA A 218 3.07 -7.39 -4.87
N VAL A 219 1.79 -7.70 -4.65
CA VAL A 219 0.87 -7.93 -5.75
C VAL A 219 -0.33 -6.99 -5.57
N PRO A 220 -0.37 -5.92 -6.38
CA PRO A 220 -1.55 -5.03 -6.32
C PRO A 220 -2.81 -5.74 -6.82
N GLU A 221 -3.97 -5.29 -6.36
CA GLU A 221 -5.20 -5.97 -6.74
C GLU A 221 -5.51 -5.74 -8.22
N TRP A 222 -5.43 -4.49 -8.66
CA TRP A 222 -5.78 -4.19 -10.05
C TRP A 222 -4.77 -4.70 -11.03
N GLY A 223 -5.26 -5.17 -12.17
CA GLY A 223 -4.39 -5.74 -13.19
C GLY A 223 -4.76 -7.15 -13.62
N GLY A 224 -5.85 -7.69 -13.09
CA GLY A 224 -6.30 -9.02 -13.50
C GLY A 224 -5.58 -10.16 -12.78
N PRO A 225 -5.85 -11.42 -13.18
CA PRO A 225 -5.27 -12.59 -12.51
C PRO A 225 -3.75 -12.58 -12.55
N LEU A 226 -3.14 -13.32 -11.63
CA LEU A 226 -1.70 -13.38 -11.56
C LEU A 226 -1.23 -14.47 -12.53
N LEU A 227 -1.36 -14.21 -13.83
CA LEU A 227 -1.01 -15.19 -14.85
C LEU A 227 0.48 -15.46 -14.84
N PRO A 228 0.90 -16.75 -15.00
CA PRO A 228 2.32 -17.05 -14.98
C PRO A 228 3.18 -16.24 -15.92
N LYS A 229 2.71 -15.99 -17.14
CA LYS A 229 3.47 -15.17 -18.09
C LYS A 229 3.64 -13.72 -17.60
N ALA A 230 2.62 -13.17 -16.96
CA ALA A 230 2.70 -11.79 -16.44
C ALA A 230 3.63 -11.75 -15.23
N TYR A 231 3.47 -12.74 -14.37
CA TYR A 231 4.38 -12.90 -13.20
C TYR A 231 5.83 -13.01 -13.65
N ASP A 232 6.09 -13.85 -14.65
CA ASP A 232 7.44 -14.11 -15.15
CA ASP A 232 7.46 -14.10 -15.08
C ASP A 232 8.07 -12.88 -15.74
N GLU A 233 7.26 -12.12 -16.48
CA GLU A 233 7.72 -10.87 -17.07
CA GLU A 233 7.72 -10.89 -17.09
C GLU A 233 8.16 -9.89 -16.01
N SER A 234 7.33 -9.71 -14.97
CA SER A 234 7.72 -8.80 -13.88
C SER A 234 9.00 -9.23 -13.23
N LEU A 235 9.14 -10.52 -12.93
N LEU A 235 9.15 -10.53 -12.95
CA LEU A 235 10.38 -11.01 -12.33
CA LEU A 235 10.36 -11.05 -12.33
C LEU A 235 11.59 -10.72 -13.18
C LEU A 235 11.59 -10.78 -13.17
N HIS A 236 11.47 -10.88 -14.50
CA HIS A 236 12.55 -10.54 -15.40
C HIS A 236 12.92 -9.08 -15.41
N ARG A 237 11.96 -8.22 -15.09
CA ARG A 237 12.20 -6.77 -15.07
C ARG A 237 12.96 -6.29 -13.82
N ALA A 238 12.90 -7.06 -12.75
CA ALA A 238 13.37 -6.56 -11.45
C ALA A 238 14.87 -6.22 -11.41
N ARG A 239 15.75 -7.19 -11.66
CA ARG A 239 17.17 -6.86 -11.58
C ARG A 239 17.63 -5.77 -12.55
N PRO A 240 17.24 -5.84 -13.84
CA PRO A 240 17.66 -4.78 -14.74
C PRO A 240 17.19 -3.39 -14.27
N PHE A 241 15.96 -3.32 -13.75
CA PHE A 241 15.45 -2.04 -13.31
C PHE A 241 16.25 -1.50 -12.12
N PHE A 242 16.39 -2.31 -11.08
CA PHE A 242 17.07 -1.81 -9.86
C PHE A 242 18.57 -1.65 -10.04
N ASP A 243 19.18 -2.53 -10.81
CA ASP A 243 20.61 -2.39 -11.10
C ASP A 243 20.90 -1.14 -11.93
N ARG A 244 19.97 -0.75 -12.82
CA ARG A 244 20.11 0.53 -13.52
C ARG A 244 19.90 1.77 -12.67
N HIS A 245 18.81 1.82 -11.92
CA HIS A 245 18.42 3.07 -11.25
C HIS A 245 18.84 3.14 -9.81
N PHE A 246 19.07 1.99 -9.19
CA PHE A 246 19.54 1.93 -7.77
C PHE A 246 20.73 0.97 -7.70
N PRO A 247 21.79 1.27 -8.47
CA PRO A 247 22.91 0.34 -8.54
C PRO A 247 23.53 0.04 -7.19
N GLU A 248 23.42 0.98 -6.25
CA GLU A 248 23.97 0.80 -4.89
C GLU A 248 23.26 -0.29 -4.12
N HIS A 249 22.04 -0.70 -4.55
CA HIS A 249 21.28 -1.66 -3.76
C HIS A 249 21.79 -3.08 -3.89
N GLY A 250 21.77 -3.61 -5.11
CA GLY A 250 22.36 -4.92 -5.39
C GLY A 250 21.65 -6.17 -4.91
N ALA A 251 20.32 -6.13 -4.81
CA ALA A 251 19.57 -7.32 -4.43
C ALA A 251 19.75 -8.45 -5.46
N ARG A 252 19.77 -9.68 -4.97
CA ARG A 252 19.77 -10.89 -5.81
C ARG A 252 18.51 -11.75 -5.65
N VAL A 253 17.72 -11.46 -4.61
CA VAL A 253 16.52 -12.28 -4.35
C VAL A 253 15.32 -11.38 -4.03
N ALA A 254 14.13 -11.91 -4.25
CA ALA A 254 12.90 -11.24 -3.85
C ALA A 254 12.31 -12.01 -2.69
N TRP A 255 11.80 -11.28 -1.71
N TRP A 255 11.81 -11.27 -1.71
CA TRP A 255 11.17 -11.87 -0.54
CA TRP A 255 11.15 -11.84 -0.54
C TRP A 255 9.73 -11.46 -0.48
C TRP A 255 9.70 -11.54 -0.64
N GLY A 256 8.88 -12.39 -0.05
CA GLY A 256 7.45 -12.12 0.09
C GLY A 256 6.92 -12.74 1.37
N SER A 257 5.98 -12.06 2.01
CA SER A 257 5.20 -12.63 3.12
C SER A 257 3.76 -12.48 2.72
N SER A 258 3.02 -13.58 2.67
CA SER A 258 1.67 -13.48 2.18
C SER A 258 0.81 -14.66 2.55
N TRP A 259 -0.49 -14.40 2.64
CA TRP A 259 -1.50 -15.45 2.72
C TRP A 259 -1.37 -16.39 1.54
N MET A 260 -0.88 -15.88 0.40
CA MET A 260 -0.81 -16.66 -0.84
C MET A 260 0.23 -17.80 -0.78
N LEU A 261 1.18 -17.66 0.13
CA LEU A 261 2.24 -18.64 0.26
C LEU A 261 1.89 -19.77 1.25
N ASP A 262 0.68 -19.75 1.81
CA ASP A 262 0.26 -20.77 2.78
C ASP A 262 0.02 -22.09 2.01
N PRO A 263 0.82 -23.14 2.29
CA PRO A 263 0.63 -24.43 1.60
C PRO A 263 -0.73 -25.07 1.89
N GLN A 264 -1.41 -24.62 2.94
CA GLN A 264 -2.77 -25.12 3.19
C GLN A 264 -3.75 -24.86 2.06
N LEU A 265 -3.50 -23.86 1.22
CA LEU A 265 -4.33 -23.60 0.03
C LEU A 265 -4.45 -24.81 -0.91
N GLU A 266 -3.44 -25.67 -0.89
CA GLU A 266 -3.39 -26.85 -1.76
C GLU A 266 -4.52 -27.87 -1.47
N GLU A 267 -5.03 -27.88 -0.25
CA GLU A 267 -6.24 -28.68 0.07
C GLU A 267 -7.46 -28.25 -0.74
N TYR A 268 -7.51 -26.99 -1.19
CA TYR A 268 -8.77 -26.41 -1.68
C TYR A 268 -8.74 -25.92 -3.11
N LEU A 269 -7.60 -25.41 -3.54
CA LEU A 269 -7.48 -24.86 -4.89
C LEU A 269 -7.00 -25.93 -5.84
N THR A 270 -7.43 -25.82 -7.09
CA THR A 270 -7.08 -26.83 -8.07
C THR A 270 -5.76 -26.51 -8.77
N GLU A 271 -5.37 -27.38 -9.69
CA GLU A 271 -4.11 -27.24 -10.39
C GLU A 271 -4.10 -26.09 -11.41
N ASP A 272 -5.29 -25.59 -11.75
CA ASP A 272 -5.38 -24.45 -12.66
C ASP A 272 -5.22 -23.13 -11.89
N SER A 273 -5.10 -23.21 -10.57
CA SER A 273 -4.91 -22.00 -9.72
C SER A 273 -3.57 -21.35 -10.02
N ASN A 274 -3.59 -20.05 -10.32
CA ASN A 274 -2.35 -19.33 -10.53
C ASN A 274 -1.48 -19.34 -9.26
N ILE A 275 -2.10 -19.12 -8.10
CA ILE A 275 -1.40 -19.16 -6.80
C ILE A 275 -0.71 -20.52 -6.62
N ILE A 276 -1.43 -21.60 -6.85
CA ILE A 276 -0.80 -22.93 -6.66
C ILE A 276 0.39 -23.13 -7.58
N GLN A 277 0.23 -22.84 -8.88
CA GLN A 277 1.30 -23.03 -9.85
C GLN A 277 2.53 -22.21 -9.45
N LEU A 278 2.31 -20.94 -9.07
CA LEU A 278 3.45 -20.03 -8.88
C LEU A 278 4.13 -20.17 -7.50
N ALA A 279 3.35 -20.52 -6.48
CA ALA A 279 3.92 -20.77 -5.15
C ALA A 279 4.93 -21.92 -5.17
N ARG A 280 4.79 -22.83 -6.13
N ARG A 280 4.78 -22.84 -6.13
CA ARG A 280 5.71 -23.98 -6.27
CA ARG A 280 5.72 -23.97 -6.26
C ARG A 280 7.15 -23.57 -6.56
C ARG A 280 7.15 -23.50 -6.44
N PHE A 281 7.33 -22.34 -7.06
CA PHE A 281 8.65 -21.78 -7.30
C PHE A 281 9.30 -21.18 -6.05
N TRP A 282 8.52 -20.94 -5.01
CA TRP A 282 9.00 -20.26 -3.82
C TRP A 282 9.59 -21.21 -2.81
N THR A 283 10.60 -20.75 -2.08
CA THR A 283 11.23 -21.52 -0.98
C THR A 283 10.80 -20.87 0.33
N LEU A 284 10.00 -21.57 1.14
CA LEU A 284 9.50 -20.98 2.38
C LEU A 284 10.57 -21.05 3.45
N THR A 285 10.75 -19.95 4.18
CA THR A 285 11.89 -19.83 5.07
C THR A 285 11.48 -19.74 6.54
N ASP A 286 10.18 -19.61 6.80
CA ASP A 286 9.66 -19.63 8.17
C ASP A 286 9.28 -21.06 8.57
N SER A 287 9.21 -21.30 9.87
CA SER A 287 8.77 -22.60 10.39
C SER A 287 7.31 -22.84 10.13
N ALA A 288 6.93 -24.11 9.99
CA ALA A 288 5.51 -24.48 9.94
C ALA A 288 4.84 -23.84 11.17
N PRO A 289 3.80 -22.99 10.95
CA PRO A 289 3.17 -22.29 12.07
C PRO A 289 2.39 -23.23 13.01
N GLU A 290 2.20 -22.80 14.25
CA GLU A 290 1.33 -23.55 15.15
C GLU A 290 -0.09 -23.55 14.61
N PRO A 291 -0.79 -24.70 14.67
CA PRO A 291 -2.14 -24.81 14.09
C PRO A 291 -3.12 -23.85 14.76
N GLY A 292 -2.89 -23.58 16.04
CA GLY A 292 -3.76 -22.70 16.82
C GLY A 292 -3.49 -21.22 16.64
N ASN A 293 -2.41 -20.88 15.94
CA ASN A 293 -2.09 -19.47 15.69
C ASN A 293 -3.04 -18.84 14.67
N ALA A 294 -3.83 -17.86 15.13
CA ALA A 294 -4.91 -17.28 14.32
C ALA A 294 -4.56 -15.94 13.66
N ASP A 295 -3.30 -15.53 13.74
CA ASP A 295 -2.85 -14.22 13.21
C ASP A 295 -3.07 -14.02 11.71
N GLY A 296 -2.97 -15.09 10.94
CA GLY A 296 -3.06 -15.01 9.48
C GLY A 296 -4.48 -14.95 8.95
N ASP A 297 -5.45 -15.23 9.80
CA ASP A 297 -6.85 -15.17 9.43
C ASP A 297 -7.26 -13.77 8.92
N SER A 298 -6.85 -12.73 9.62
CA SER A 298 -7.29 -11.38 9.24
C SER A 298 -6.70 -10.94 7.89
N SER A 299 -5.51 -11.47 7.56
CA SER A 299 -4.86 -11.12 6.30
C SER A 299 -5.63 -11.71 5.12
N ILE A 300 -5.87 -13.02 5.17
CA ILE A 300 -6.59 -13.66 4.09
C ILE A 300 -8.03 -13.08 3.98
N LEU A 301 -8.65 -12.73 5.10
CA LEU A 301 -10.00 -12.17 5.06
C LEU A 301 -10.01 -10.77 4.41
N GLU A 302 -9.01 -9.96 4.78
CA GLU A 302 -8.83 -8.64 4.10
C GLU A 302 -8.66 -8.81 2.60
N PHE A 303 -7.69 -9.63 2.16
CA PHE A 303 -7.45 -9.72 0.72
C PHE A 303 -8.47 -10.43 -0.13
N VAL A 304 -9.21 -11.38 0.45
CA VAL A 304 -10.22 -12.10 -0.33
C VAL A 304 -11.59 -11.42 -0.27
N PHE A 305 -11.90 -10.81 0.86
CA PHE A 305 -13.23 -10.25 1.08
C PHE A 305 -13.27 -8.77 1.45
N ARG A 306 -12.10 -8.16 1.68
CA ARG A 306 -12.03 -6.82 2.30
C ARG A 306 -12.93 -6.84 3.53
N TYR A 307 -12.66 -7.82 4.37
CA TYR A 307 -13.51 -8.15 5.51
C TYR A 307 -13.68 -6.99 6.50
N ASN A 308 -14.92 -6.71 6.88
CA ASN A 308 -15.17 -5.67 7.87
C ASN A 308 -16.12 -6.15 8.98
N GLY A 309 -15.79 -7.31 9.57
CA GLY A 309 -16.44 -7.78 10.78
C GLY A 309 -17.78 -8.46 10.61
N GLN A 310 -18.24 -8.64 9.37
CA GLN A 310 -19.56 -9.23 9.11
C GLN A 310 -19.59 -10.75 9.38
N PRO A 311 -20.79 -11.32 9.60
CA PRO A 311 -20.89 -12.76 9.85
C PRO A 311 -20.44 -13.58 8.64
N LEU A 312 -19.61 -14.59 8.89
CA LEU A 312 -18.98 -15.40 7.85
C LEU A 312 -19.95 -15.98 6.82
N ASP A 313 -21.17 -16.30 7.25
CA ASP A 313 -22.23 -16.79 6.37
C ASP A 313 -22.68 -15.76 5.35
N GLU A 314 -22.46 -14.48 5.66
CA GLU A 314 -22.89 -13.36 4.85
C GLU A 314 -21.92 -13.06 3.69
N LEU A 315 -20.71 -13.63 3.78
CA LEU A 315 -19.67 -13.40 2.78
C LEU A 315 -19.93 -14.16 1.49
N PRO A 316 -19.59 -13.57 0.33
CA PRO A 316 -19.80 -14.24 -0.97
C PRO A 316 -19.06 -15.59 -1.09
N GLN A 317 -19.53 -16.42 -2.00
CA GLN A 317 -19.02 -17.78 -2.18
C GLN A 317 -18.98 -18.16 -3.67
N ARG A 318 -18.75 -17.16 -4.51
CA ARG A 318 -18.72 -17.35 -5.96
C ARG A 318 -17.53 -18.15 -6.47
N SER A 319 -16.34 -17.90 -5.91
CA SER A 319 -15.09 -18.54 -6.39
C SER A 319 -14.63 -19.65 -5.46
N SER A 320 -13.77 -20.52 -5.99
CA SER A 320 -13.22 -21.60 -5.17
C SER A 320 -12.44 -21.10 -3.96
N LEU A 321 -11.71 -19.98 -4.11
CA LEU A 321 -10.98 -19.40 -2.97
C LEU A 321 -11.90 -18.85 -1.90
N GLU A 322 -12.96 -18.15 -2.29
CA GLU A 322 -13.98 -17.69 -1.34
C GLU A 322 -14.55 -18.85 -0.51
N ARG A 323 -14.93 -19.94 -1.18
CA ARG A 323 -15.47 -21.13 -0.51
C ARG A 323 -14.40 -21.74 0.40
N ALA A 324 -13.16 -21.77 -0.09
CA ALA A 324 -12.04 -22.34 0.65
C ALA A 324 -11.76 -21.61 1.96
N VAL A 325 -11.69 -20.27 1.94
CA VAL A 325 -11.35 -19.51 3.14
C VAL A 325 -12.38 -19.79 4.24
N ILE A 326 -13.66 -19.77 3.88
CA ILE A 326 -14.75 -19.93 4.85
C ILE A 326 -14.81 -21.38 5.37
N ALA A 327 -14.80 -22.34 4.45
CA ALA A 327 -14.78 -23.78 4.80
C ALA A 327 -13.72 -24.09 5.87
N HIS A 328 -12.48 -23.66 5.62
CA HIS A 328 -11.34 -23.89 6.51
C HIS A 328 -11.55 -23.30 7.88
N LEU A 329 -12.04 -22.05 7.90
CA LEU A 329 -12.39 -21.38 9.16
C LEU A 329 -13.57 -22.06 9.87
N LYS A 330 -14.63 -22.40 9.13
CA LYS A 330 -15.76 -23.14 9.70
C LYS A 330 -15.30 -24.44 10.38
N ALA A 331 -14.28 -25.08 9.81
CA ALA A 331 -13.73 -26.32 10.33
C ALA A 331 -12.96 -26.16 11.64
N GLY A 332 -12.78 -24.93 12.09
CA GLY A 332 -12.00 -24.66 13.30
C GLY A 332 -10.51 -24.50 13.01
N ARG A 333 -10.16 -24.33 11.74
CA ARG A 333 -8.76 -24.26 11.32
C ARG A 333 -8.35 -22.81 10.97
N HIS A 334 -7.04 -22.58 10.84
CA HIS A 334 -6.49 -21.23 10.66
C HIS A 334 -5.58 -21.10 9.47
N TRP A 335 -5.57 -19.88 8.90
CA TRP A 335 -4.73 -19.52 7.77
C TRP A 335 -3.53 -18.79 8.27
N HIS A 336 -2.39 -18.97 7.59
CA HIS A 336 -1.12 -18.42 8.03
C HIS A 336 -0.42 -17.68 6.94
N MET A 337 0.04 -16.47 7.26
N MET A 337 0.09 -16.48 7.26
CA MET A 337 1.01 -15.80 6.39
CA MET A 337 0.98 -15.77 6.36
C MET A 337 2.26 -16.66 6.38
C MET A 337 2.37 -16.42 6.36
N ARG A 338 2.81 -16.90 5.20
CA ARG A 338 4.10 -17.59 5.13
C ARG A 338 5.10 -16.70 4.40
N THR A 339 6.38 -16.91 4.69
CA THR A 339 7.45 -16.08 4.15
C THR A 339 8.39 -16.95 3.33
N GLY A 340 8.83 -16.42 2.19
CA GLY A 340 9.77 -17.13 1.36
C GLY A 340 10.47 -16.21 0.39
N PHE A 341 11.26 -16.81 -0.51
CA PHE A 341 12.03 -16.06 -1.47
C PHE A 341 12.08 -16.78 -2.81
N VAL A 342 12.38 -16.02 -3.86
CA VAL A 342 12.76 -16.56 -5.16
C VAL A 342 13.98 -15.78 -5.60
N LYS A 343 14.95 -16.45 -6.20
CA LYS A 343 16.10 -15.77 -6.81
C LYS A 343 15.67 -14.92 -8.01
N LEU A 344 16.23 -13.72 -8.17
CA LEU A 344 15.86 -12.87 -9.30
C LEU A 344 16.58 -13.37 -10.56
N PRO A 345 15.84 -13.54 -11.67
CA PRO A 345 16.53 -13.97 -12.90
C PRO A 345 17.45 -12.87 -13.39
#